data_6ZRV
#
_entry.id   6ZRV
#
_cell.length_a   117.808
_cell.length_b   117.808
_cell.length_c   96.483
_cell.angle_alpha   90.000
_cell.angle_beta   90.000
_cell.angle_gamma   90.000
#
_symmetry.space_group_name_H-M   'P 41 21 2'
#
loop_
_entity.id
_entity.type
_entity.pdbx_description
1 polymer 'Plasminogen activator inhibitor 1'
2 polymer 'VHH-s-a93 (Nb93)'
3 water water
#
loop_
_entity_poly.entity_id
_entity_poly.type
_entity_poly.pdbx_seq_one_letter_code
_entity_poly.pdbx_strand_id
1 'polypeptide(L)'
;VHHPPSYVAHLASDFGVRVFQQVAQASKDRNVVFSPYGVASVLAMLQLTTGGETQQQIQAAMGFKIDDKGMAPALRHLYK
ELMGPWNKDEISTTDAIFVQRDLKLVQGFMPHFFRLFRSTVKQVDFSEVERARFIINDWVKTHTKGMISNLLGKGAVDQL
TRLVLVNALYFNGQFKTPFPDSSTHRRLFHKSDGSTVSVPMMAQTNKFNYTEFTTPDGHYYDILELPYHGDTLSMFIAAP
YEKEVPLSALTNILSAQLISHWKGNMTRLPRLLVLPKFSLETEVDLRKPLENLGMTDMFRQFQADFTSLSDQEPLHVAQA
LQKVKIEVNESGTVASSSTAVIVSARMAPEEIIMDRPFLFVVRHNPTGTVLFMGQVMEP
;
A
2 'polypeptide(L)'
;QVQLVESGGGLVQPGGSLRLSCAASGFSLDNYAIGWFRQAPGKEREGVSCISSSDGSTYYTDSVEGRFTISRDNAKNTVY
LQMNSLKPDDTAVYYCAADYGSSWCTFNGMDYWGQGTQVTVSS
;
B
#
# COMPACT_ATOMS: atom_id res chain seq x y z
N TYR A 7 6.26 -20.20 11.01
CA TYR A 7 5.02 -19.52 11.34
C TYR A 7 4.09 -19.53 10.14
N VAL A 8 2.79 -19.49 10.41
CA VAL A 8 1.81 -19.61 9.34
C VAL A 8 1.85 -18.41 8.43
N ALA A 9 2.16 -17.24 8.97
CA ALA A 9 2.15 -16.02 8.16
C ALA A 9 3.08 -16.16 6.96
N HIS A 10 4.28 -16.70 7.17
CA HIS A 10 5.19 -16.85 6.04
C HIS A 10 4.73 -17.96 5.10
N LEU A 11 4.23 -19.08 5.63
CA LEU A 11 3.77 -20.15 4.76
C LEU A 11 2.59 -19.70 3.91
N ALA A 12 1.61 -19.05 4.54
CA ALA A 12 0.47 -18.54 3.80
C ALA A 12 0.91 -17.53 2.73
N SER A 13 1.75 -16.57 3.12
CA SER A 13 2.23 -15.55 2.18
C SER A 13 2.97 -16.19 1.00
N ASP A 14 3.92 -17.09 1.28
CA ASP A 14 4.74 -17.60 0.21
C ASP A 14 3.92 -18.48 -0.75
N PHE A 15 2.96 -19.24 -0.25
CA PHE A 15 2.04 -19.94 -1.15
C PHE A 15 1.31 -18.94 -2.06
N GLY A 16 0.74 -17.90 -1.47
CA GLY A 16 0.09 -16.89 -2.29
C GLY A 16 1.02 -16.21 -3.27
N VAL A 17 2.30 -16.04 -2.90
CA VAL A 17 3.24 -15.44 -3.83
C VAL A 17 3.52 -16.38 -5.00
N ARG A 18 3.62 -17.68 -4.73
CA ARG A 18 3.80 -18.64 -5.82
C ARG A 18 2.61 -18.62 -6.77
N VAL A 19 1.40 -18.43 -6.22
CA VAL A 19 0.25 -18.30 -7.11
C VAL A 19 0.34 -17.01 -7.91
N PHE A 20 0.76 -15.90 -7.27
CA PHE A 20 0.91 -14.64 -8.00
C PHE A 20 1.92 -14.79 -9.13
N GLN A 21 2.99 -15.54 -8.91
CA GLN A 21 3.99 -15.71 -9.96
C GLN A 21 3.37 -16.36 -11.20
N GLN A 22 2.48 -17.34 -11.00
CA GLN A 22 1.75 -17.94 -12.10
C GLN A 22 0.89 -16.90 -12.82
N VAL A 23 0.18 -16.06 -12.06
CA VAL A 23 -0.66 -15.01 -12.64
C VAL A 23 0.20 -14.01 -13.43
N ALA A 24 1.29 -13.54 -12.84
CA ALA A 24 2.13 -12.54 -13.51
C ALA A 24 2.73 -13.06 -14.80
N GLN A 25 3.19 -14.31 -14.83
CA GLN A 25 3.83 -14.78 -16.06
C GLN A 25 2.82 -14.87 -17.20
N ALA A 26 1.54 -15.04 -16.90
CA ALA A 26 0.48 -15.03 -17.91
C ALA A 26 0.04 -13.62 -18.29
N SER A 27 0.57 -12.59 -17.64
CA SER A 27 0.12 -11.21 -17.83
C SER A 27 1.31 -10.25 -17.79
N LYS A 28 2.41 -10.63 -18.45
CA LYS A 28 3.69 -9.98 -18.20
C LYS A 28 3.69 -8.49 -18.57
N ASP A 29 2.81 -8.04 -19.47
CA ASP A 29 2.85 -6.63 -19.86
C ASP A 29 1.57 -5.88 -19.48
N ARG A 30 0.82 -6.36 -18.48
CA ARG A 30 -0.41 -5.71 -18.06
C ARG A 30 -0.41 -5.54 -16.54
N ASN A 31 -1.10 -4.49 -16.07
CA ASN A 31 -1.33 -4.33 -14.64
C ASN A 31 -1.91 -5.61 -14.03
N VAL A 32 -1.43 -5.95 -12.84
CA VAL A 32 -1.98 -7.02 -12.02
C VAL A 32 -1.99 -6.55 -10.59
N VAL A 33 -3.10 -6.76 -9.88
CA VAL A 33 -3.10 -6.70 -8.43
C VAL A 33 -3.65 -8.02 -7.91
N PHE A 34 -3.07 -8.53 -6.82
CA PHE A 34 -3.35 -9.88 -6.35
C PHE A 34 -3.20 -9.90 -4.84
N SER A 35 -3.88 -10.85 -4.19
CA SER A 35 -3.76 -11.02 -2.73
C SER A 35 -3.16 -12.37 -2.39
N PRO A 36 -1.86 -12.44 -2.08
CA PRO A 36 -1.28 -13.71 -1.59
C PRO A 36 -1.98 -14.24 -0.35
N TYR A 37 -2.19 -13.39 0.65
CA TYR A 37 -2.89 -13.84 1.84
C TYR A 37 -4.30 -14.34 1.52
N GLY A 38 -5.00 -13.64 0.63
CA GLY A 38 -6.38 -14.03 0.33
C GLY A 38 -6.49 -15.41 -0.29
N VAL A 39 -5.63 -15.73 -1.25
CA VAL A 39 -5.74 -17.03 -1.90
C VAL A 39 -5.32 -18.15 -0.95
N ALA A 40 -4.36 -17.89 -0.07
CA ALA A 40 -4.01 -18.87 0.95
C ALA A 40 -5.15 -19.09 1.93
N SER A 41 -5.83 -18.01 2.32
CA SER A 41 -6.91 -18.16 3.30
C SER A 41 -8.05 -19.02 2.75
N VAL A 42 -8.44 -18.80 1.49
CA VAL A 42 -9.58 -19.54 0.97
C VAL A 42 -9.19 -20.96 0.57
N LEU A 43 -7.94 -21.18 0.17
CA LEU A 43 -7.52 -22.56 -0.09
C LEU A 43 -7.40 -23.36 1.21
N ALA A 44 -7.01 -22.69 2.31
CA ALA A 44 -7.02 -23.36 3.61
C ALA A 44 -8.43 -23.78 4.01
N MET A 45 -9.43 -22.95 3.69
CA MET A 45 -10.81 -23.36 3.92
C MET A 45 -11.18 -24.54 3.06
N LEU A 46 -10.78 -24.51 1.78
CA LEU A 46 -11.10 -25.63 0.90
C LEU A 46 -10.47 -26.92 1.39
N GLN A 47 -9.29 -26.84 2.04
CA GLN A 47 -8.65 -28.02 2.61
C GLN A 47 -9.61 -28.83 3.46
N LEU A 48 -10.46 -28.17 4.24
CA LEU A 48 -11.37 -28.88 5.13
C LEU A 48 -12.47 -29.63 4.39
N THR A 49 -12.80 -29.20 3.16
CA THR A 49 -13.85 -29.87 2.41
C THR A 49 -13.36 -31.11 1.66
N THR A 50 -12.06 -31.25 1.47
CA THR A 50 -11.49 -32.23 0.54
C THR A 50 -11.00 -33.47 1.28
N GLY A 51 -10.78 -34.53 0.51
CA GLY A 51 -10.11 -35.71 1.02
C GLY A 51 -9.22 -36.33 -0.03
N GLY A 52 -8.59 -37.45 0.33
CA GLY A 52 -7.86 -38.25 -0.63
C GLY A 52 -6.76 -37.48 -1.34
N GLU A 53 -6.69 -37.68 -2.66
CA GLU A 53 -5.63 -37.05 -3.46
C GLU A 53 -5.88 -35.55 -3.64
N THR A 54 -7.16 -35.15 -3.71
CA THR A 54 -7.49 -33.74 -3.81
C THR A 54 -6.95 -32.95 -2.62
N GLN A 55 -7.18 -33.46 -1.41
CA GLN A 55 -6.64 -32.81 -0.22
C GLN A 55 -5.12 -32.81 -0.22
N GLN A 56 -4.50 -33.95 -0.57
CA GLN A 56 -3.05 -34.05 -0.60
C GLN A 56 -2.43 -33.03 -1.55
N GLN A 57 -3.08 -32.78 -2.69
CA GLN A 57 -2.56 -31.82 -3.66
C GLN A 57 -2.54 -30.40 -3.09
N ILE A 58 -3.61 -30.01 -2.40
CA ILE A 58 -3.66 -28.67 -1.77
C ILE A 58 -2.64 -28.57 -0.65
N GLN A 59 -2.61 -29.58 0.23
CA GLN A 59 -1.69 -29.53 1.37
C GLN A 59 -0.24 -29.55 0.91
N ALA A 60 0.05 -30.25 -0.19
CA ALA A 60 1.41 -30.23 -0.73
C ALA A 60 1.77 -28.82 -1.22
N ALA A 61 0.91 -28.23 -2.04
CA ALA A 61 1.20 -26.91 -2.59
C ALA A 61 1.35 -25.87 -1.49
N MET A 62 0.54 -25.96 -0.43
CA MET A 62 0.50 -24.94 0.61
C MET A 62 1.55 -25.14 1.68
N GLY A 63 2.07 -26.36 1.82
CA GLY A 63 3.10 -26.62 2.80
C GLY A 63 2.62 -26.80 4.22
N PHE A 64 1.31 -26.94 4.43
CA PHE A 64 0.78 -27.20 5.76
C PHE A 64 -0.64 -27.75 5.66
N LYS A 65 -1.12 -28.29 6.77
CA LYS A 65 -2.47 -28.86 6.88
C LYS A 65 -3.26 -28.05 7.88
N ILE A 66 -4.47 -27.63 7.48
CA ILE A 66 -5.26 -26.73 8.31
C ILE A 66 -5.66 -27.41 9.62
N ASP A 67 -5.71 -28.73 9.65
CA ASP A 67 -6.12 -29.48 10.85
C ASP A 67 -4.95 -29.79 11.77
N ASP A 68 -3.71 -29.51 11.38
CA ASP A 68 -2.58 -29.78 12.25
C ASP A 68 -2.57 -28.84 13.45
N LYS A 69 -1.82 -29.22 14.48
CA LYS A 69 -1.90 -28.54 15.77
C LYS A 69 -1.40 -27.11 15.65
N GLY A 70 -2.29 -26.15 15.88
CA GLY A 70 -1.92 -24.75 15.93
C GLY A 70 -2.16 -23.96 14.66
N MET A 71 -2.51 -24.62 13.55
CA MET A 71 -2.60 -23.93 12.27
C MET A 71 -3.85 -23.06 12.19
N ALA A 72 -5.02 -23.66 12.42
CA ALA A 72 -6.27 -22.89 12.36
C ALA A 72 -6.28 -21.70 13.32
N PRO A 73 -5.92 -21.84 14.60
CA PRO A 73 -5.94 -20.65 15.47
C PRO A 73 -4.94 -19.59 15.04
N ALA A 74 -3.75 -20.00 14.60
CA ALA A 74 -2.79 -19.03 14.09
C ALA A 74 -3.36 -18.26 12.91
N LEU A 75 -4.15 -18.93 12.07
CA LEU A 75 -4.77 -18.24 10.95
C LEU A 75 -5.90 -17.30 11.42
N ARG A 76 -6.65 -17.70 12.45
CA ARG A 76 -7.66 -16.81 13.02
C ARG A 76 -7.01 -15.54 13.55
N HIS A 77 -5.91 -15.67 14.31
CA HIS A 77 -5.22 -14.50 14.83
C HIS A 77 -4.69 -13.63 13.71
N LEU A 78 -4.12 -14.26 12.68
CA LEU A 78 -3.65 -13.50 11.53
C LEU A 78 -4.78 -12.69 10.90
N TYR A 79 -5.92 -13.34 10.64
CA TYR A 79 -7.08 -12.64 10.07
C TYR A 79 -7.55 -11.53 10.99
N LYS A 80 -7.83 -11.86 12.27
CA LYS A 80 -8.28 -10.84 13.21
C LYS A 80 -7.27 -9.71 13.36
N GLU A 81 -6.04 -9.94 12.93
CA GLU A 81 -4.98 -8.96 13.10
C GLU A 81 -4.82 -8.05 11.91
N LEU A 82 -5.03 -8.57 10.70
CA LEU A 82 -4.85 -7.78 9.49
C LEU A 82 -5.96 -6.76 9.29
N MET A 83 -7.09 -6.92 9.99
CA MET A 83 -8.23 -6.03 9.80
C MET A 83 -8.16 -4.76 10.66
N GLY A 84 -7.45 -4.81 11.78
CA GLY A 84 -7.62 -3.84 12.86
C GLY A 84 -7.47 -2.37 12.55
N PRO A 85 -6.24 -1.94 12.18
CA PRO A 85 -5.90 -0.51 12.15
C PRO A 85 -6.41 0.26 10.94
N TRP A 86 -7.72 0.16 10.69
CA TRP A 86 -8.28 0.73 9.47
C TRP A 86 -9.63 1.37 9.74
N ASN A 87 -9.89 2.46 9.02
CA ASN A 87 -11.26 2.95 8.87
C ASN A 87 -12.07 1.94 8.07
N LYS A 88 -13.40 2.01 8.23
CA LYS A 88 -14.27 1.12 7.46
C LYS A 88 -14.17 1.37 5.96
N ASP A 89 -13.78 2.58 5.55
CA ASP A 89 -13.66 2.94 4.15
C ASP A 89 -12.36 2.46 3.50
N GLU A 90 -11.46 1.80 4.23
CA GLU A 90 -10.11 1.59 3.74
C GLU A 90 -9.79 0.16 3.32
N ILE A 91 -10.44 -0.86 3.90
CA ILE A 91 -10.15 -2.25 3.57
C ILE A 91 -11.41 -3.10 3.80
N SER A 92 -11.49 -4.26 3.10
CA SER A 92 -12.64 -5.17 3.18
C SER A 92 -12.46 -6.45 2.38
N THR A 93 -12.63 -7.61 3.00
CA THR A 93 -12.31 -8.89 2.40
C THR A 93 -13.45 -9.90 2.60
N THR A 94 -13.55 -10.86 1.69
CA THR A 94 -14.42 -12.00 1.92
C THR A 94 -13.81 -13.25 1.31
N ASP A 95 -14.00 -14.38 2.00
CA ASP A 95 -13.57 -15.71 1.58
C ASP A 95 -14.80 -16.59 1.70
N ALA A 96 -15.19 -17.26 0.61
CA ALA A 96 -16.50 -17.89 0.64
C ALA A 96 -16.51 -19.15 -0.21
N ILE A 97 -17.10 -20.21 0.34
CA ILE A 97 -17.37 -21.44 -0.40
C ILE A 97 -18.89 -21.56 -0.53
N PHE A 98 -19.36 -21.72 -1.77
CA PHE A 98 -20.78 -21.85 -2.05
C PHE A 98 -21.03 -23.25 -2.60
N VAL A 99 -21.96 -23.98 -1.97
CA VAL A 99 -22.24 -25.37 -2.33
C VAL A 99 -23.73 -25.53 -2.62
N GLN A 100 -24.05 -26.46 -3.51
CA GLN A 100 -25.45 -26.71 -3.89
C GLN A 100 -26.28 -27.02 -2.64
N ARG A 101 -27.47 -26.40 -2.56
CA ARG A 101 -28.26 -26.41 -1.33
C ARG A 101 -28.89 -27.77 -1.04
N ASP A 102 -29.21 -28.56 -2.05
CA ASP A 102 -29.90 -29.82 -1.76
C ASP A 102 -28.96 -31.00 -1.55
N LEU A 103 -27.65 -30.75 -1.44
CA LEU A 103 -26.69 -31.80 -1.14
C LEU A 103 -26.71 -32.11 0.34
N LYS A 104 -26.85 -33.39 0.69
CA LYS A 104 -26.68 -33.79 2.08
C LYS A 104 -25.21 -33.67 2.45
N LEU A 105 -24.92 -32.89 3.49
CA LEU A 105 -23.54 -32.69 3.89
C LEU A 105 -23.16 -33.64 5.02
N VAL A 106 -21.88 -33.94 5.09
CA VAL A 106 -21.37 -34.86 6.11
C VAL A 106 -21.72 -34.34 7.50
N GLN A 107 -22.22 -35.24 8.35
CA GLN A 107 -22.58 -34.90 9.71
C GLN A 107 -21.42 -34.21 10.42
N GLY A 108 -21.70 -33.04 10.98
CA GLY A 108 -20.73 -32.31 11.74
C GLY A 108 -19.77 -31.48 10.92
N PHE A 109 -19.82 -31.54 9.59
CA PHE A 109 -18.92 -30.71 8.80
C PHE A 109 -19.17 -29.24 9.03
N MET A 110 -20.43 -28.79 8.88
CA MET A 110 -20.72 -27.36 8.97
C MET A 110 -20.27 -26.76 10.30
N PRO A 111 -20.57 -27.36 11.45
CA PRO A 111 -20.06 -26.76 12.70
C PRO A 111 -18.56 -26.86 12.85
N HIS A 112 -17.91 -27.92 12.36
CA HIS A 112 -16.45 -27.95 12.45
C HIS A 112 -15.83 -26.85 11.59
N PHE A 113 -16.38 -26.62 10.39
CA PHE A 113 -15.92 -25.52 9.54
C PHE A 113 -16.09 -24.18 10.25
N PHE A 114 -17.28 -23.95 10.82
CA PHE A 114 -17.55 -22.70 11.51
C PHE A 114 -16.61 -22.51 12.70
N ARG A 115 -16.36 -23.58 13.46
CA ARG A 115 -15.43 -23.49 14.59
C ARG A 115 -14.02 -23.10 14.13
N LEU A 116 -13.56 -23.63 13.01
CA LEU A 116 -12.18 -23.42 12.56
C LEU A 116 -11.96 -22.03 11.98
N PHE A 117 -12.94 -21.52 11.23
CA PHE A 117 -12.76 -20.29 10.48
C PHE A 117 -13.65 -19.14 10.91
N ARG A 118 -14.64 -19.39 11.78
CA ARG A 118 -15.56 -18.36 12.25
C ARG A 118 -16.34 -17.74 11.09
N SER A 119 -16.50 -18.50 10.02
CA SER A 119 -17.42 -18.18 8.94
C SER A 119 -18.05 -19.47 8.47
N THR A 120 -19.09 -19.35 7.65
CA THR A 120 -19.90 -20.50 7.28
C THR A 120 -19.76 -20.83 5.80
N VAL A 121 -19.86 -22.12 5.49
CA VAL A 121 -20.12 -22.53 4.12
C VAL A 121 -21.52 -22.07 3.75
N LYS A 122 -21.66 -21.54 2.53
CA LYS A 122 -22.93 -21.03 2.06
C LYS A 122 -23.60 -22.04 1.14
N GLN A 123 -24.86 -22.33 1.39
CA GLN A 123 -25.65 -23.23 0.55
C GLN A 123 -26.52 -22.41 -0.38
N VAL A 124 -26.43 -22.69 -1.68
CA VAL A 124 -27.18 -21.96 -2.69
C VAL A 124 -27.74 -22.94 -3.70
N ASP A 125 -28.89 -22.59 -4.30
CA ASP A 125 -29.52 -23.45 -5.29
C ASP A 125 -29.03 -23.06 -6.69
N PHE A 126 -27.97 -23.74 -7.14
CA PHE A 126 -27.37 -23.44 -8.43
C PHE A 126 -28.29 -23.79 -9.60
N SER A 127 -29.30 -24.63 -9.39
CA SER A 127 -30.23 -24.95 -10.48
C SER A 127 -31.11 -23.78 -10.86
N GLU A 128 -31.23 -22.77 -9.99
CA GLU A 128 -31.91 -21.52 -10.33
C GLU A 128 -30.80 -20.50 -10.57
N VAL A 129 -30.38 -20.40 -11.81
CA VAL A 129 -29.06 -19.86 -12.12
C VAL A 129 -28.97 -18.37 -11.78
N GLU A 130 -29.97 -17.58 -12.18
CA GLU A 130 -29.90 -16.16 -11.88
C GLU A 130 -30.06 -15.90 -10.39
N ARG A 131 -30.95 -16.64 -9.74
CA ARG A 131 -31.12 -16.54 -8.29
C ARG A 131 -29.81 -16.79 -7.56
N ALA A 132 -29.10 -17.84 -7.96
CA ALA A 132 -27.83 -18.18 -7.31
C ALA A 132 -26.77 -17.14 -7.60
N ARG A 133 -26.69 -16.67 -8.85
CA ARG A 133 -25.72 -15.64 -9.20
C ARG A 133 -25.97 -14.37 -8.40
N PHE A 134 -27.24 -13.98 -8.21
CA PHE A 134 -27.54 -12.80 -7.41
C PHE A 134 -27.15 -13.00 -5.95
N ILE A 135 -27.34 -14.21 -5.42
CA ILE A 135 -26.98 -14.46 -4.02
C ILE A 135 -25.48 -14.33 -3.82
N ILE A 136 -24.68 -14.94 -4.70
CA ILE A 136 -23.23 -14.85 -4.58
C ILE A 136 -22.76 -13.40 -4.75
N ASN A 137 -23.27 -12.73 -5.78
CA ASN A 137 -22.87 -11.35 -6.06
C ASN A 137 -23.18 -10.43 -4.87
N ASP A 138 -24.34 -10.60 -4.24
CA ASP A 138 -24.68 -9.74 -3.11
C ASP A 138 -23.83 -10.04 -1.89
N TRP A 139 -23.50 -11.32 -1.65
CA TRP A 139 -22.58 -11.64 -0.56
C TRP A 139 -21.24 -10.95 -0.76
N VAL A 140 -20.68 -11.06 -1.96
CA VAL A 140 -19.39 -10.44 -2.25
C VAL A 140 -19.51 -8.91 -2.14
N LYS A 141 -20.58 -8.34 -2.68
CA LYS A 141 -20.75 -6.89 -2.63
C LYS A 141 -20.77 -6.38 -1.19
N THR A 142 -21.59 -7.01 -0.35
CA THR A 142 -21.80 -6.50 1.00
C THR A 142 -20.66 -6.82 1.95
N HIS A 143 -19.65 -7.59 1.50
CA HIS A 143 -18.47 -7.88 2.30
C HIS A 143 -17.20 -7.28 1.72
N THR A 144 -17.33 -6.41 0.71
CA THR A 144 -16.22 -5.66 0.16
C THR A 144 -16.53 -4.17 0.18
N LYS A 145 -17.28 -3.72 1.18
CA LYS A 145 -17.67 -2.30 1.30
C LYS A 145 -18.42 -1.81 0.06
N GLY A 146 -19.16 -2.71 -0.59
CA GLY A 146 -19.88 -2.40 -1.80
C GLY A 146 -19.04 -2.22 -3.05
N MET A 147 -17.73 -2.44 -2.97
CA MET A 147 -16.86 -2.09 -4.10
C MET A 147 -16.79 -3.21 -5.13
N ILE A 148 -16.79 -4.46 -4.70
CA ILE A 148 -16.79 -5.60 -5.64
C ILE A 148 -18.25 -5.98 -5.82
N SER A 149 -18.92 -5.27 -6.73
CA SER A 149 -20.38 -5.24 -6.72
C SER A 149 -21.01 -6.10 -7.81
N ASN A 150 -20.21 -6.68 -8.72
CA ASN A 150 -20.78 -7.51 -9.77
C ASN A 150 -19.79 -8.60 -10.18
N LEU A 151 -19.42 -9.45 -9.22
CA LEU A 151 -18.38 -10.45 -9.46
C LEU A 151 -18.73 -11.36 -10.64
N LEU A 152 -19.95 -11.95 -10.63
CA LEU A 152 -20.37 -12.89 -11.66
C LEU A 152 -21.35 -12.22 -12.61
N GLY A 153 -20.98 -12.15 -13.89
CA GLY A 153 -21.82 -11.51 -14.88
C GLY A 153 -22.87 -12.45 -15.44
N LYS A 154 -23.75 -11.90 -16.28
CA LYS A 154 -24.85 -12.70 -16.84
C LYS A 154 -24.29 -13.95 -17.50
N GLY A 155 -24.90 -15.09 -17.19
CA GLY A 155 -24.44 -16.33 -17.77
C GLY A 155 -23.11 -16.85 -17.25
N ALA A 156 -22.63 -16.38 -16.10
CA ALA A 156 -21.38 -16.90 -15.56
C ALA A 156 -21.56 -18.13 -14.68
N VAL A 157 -22.79 -18.39 -14.19
CA VAL A 157 -23.10 -19.56 -13.36
C VAL A 157 -23.86 -20.56 -14.22
N ASP A 158 -23.54 -21.84 -14.07
CA ASP A 158 -24.18 -22.90 -14.84
C ASP A 158 -25.12 -23.71 -13.96
N GLN A 159 -26.23 -24.17 -14.56
CA GLN A 159 -27.22 -24.92 -13.80
C GLN A 159 -26.66 -26.21 -13.22
N LEU A 160 -25.60 -26.76 -13.81
CA LEU A 160 -25.00 -27.97 -13.27
C LEU A 160 -23.87 -27.67 -12.30
N THR A 161 -23.66 -26.40 -11.95
CA THR A 161 -22.65 -26.05 -10.97
C THR A 161 -23.05 -26.57 -9.59
N ARG A 162 -22.08 -27.08 -8.85
CA ARG A 162 -22.35 -27.55 -7.50
C ARG A 162 -21.44 -26.96 -6.43
N LEU A 163 -20.35 -26.26 -6.80
CA LEU A 163 -19.39 -25.79 -5.82
C LEU A 163 -18.57 -24.66 -6.43
N VAL A 164 -18.51 -23.53 -5.73
CA VAL A 164 -17.82 -22.32 -6.19
C VAL A 164 -17.00 -21.77 -5.04
N LEU A 165 -15.79 -21.31 -5.34
CA LEU A 165 -14.93 -20.66 -4.37
C LEU A 165 -14.69 -19.23 -4.82
N VAL A 166 -14.87 -18.26 -3.92
CA VAL A 166 -14.62 -16.85 -4.25
C VAL A 166 -13.79 -16.18 -3.15
N ASN A 167 -12.87 -15.31 -3.57
CA ASN A 167 -12.07 -14.49 -2.68
C ASN A 167 -12.09 -13.08 -3.27
N ALA A 168 -12.51 -12.10 -2.48
CA ALA A 168 -12.64 -10.75 -3.01
C ALA A 168 -12.16 -9.76 -1.97
N LEU A 169 -11.41 -8.73 -2.41
CA LEU A 169 -10.77 -7.80 -1.51
C LEU A 169 -10.80 -6.41 -2.11
N TYR A 170 -11.04 -5.42 -1.27
CA TYR A 170 -10.97 -4.02 -1.65
C TYR A 170 -10.06 -3.31 -0.67
N PHE A 171 -9.19 -2.44 -1.18
CA PHE A 171 -8.24 -1.73 -0.32
C PHE A 171 -8.04 -0.32 -0.83
N ASN A 172 -8.18 0.65 0.05
CA ASN A 172 -7.95 2.06 -0.27
C ASN A 172 -7.39 2.72 0.99
N GLY A 173 -6.22 2.27 1.43
CA GLY A 173 -5.65 2.78 2.65
C GLY A 173 -5.00 4.13 2.43
N GLN A 174 -4.91 4.90 3.50
CA GLN A 174 -4.31 6.23 3.44
C GLN A 174 -2.91 6.20 4.03
N PHE A 175 -1.96 6.75 3.29
CA PHE A 175 -0.59 6.77 3.78
C PHE A 175 -0.50 7.58 5.07
N LYS A 176 0.52 7.25 5.87
CA LYS A 176 0.82 8.01 7.07
C LYS A 176 1.01 9.49 6.73
N THR A 177 1.71 9.77 5.63
CA THR A 177 1.82 11.12 5.06
C THR A 177 1.16 11.09 3.69
N PRO A 178 -0.08 11.53 3.54
CA PRO A 178 -0.71 11.54 2.22
C PRO A 178 0.02 12.49 1.28
N PHE A 179 -0.02 12.17 0.00
CA PHE A 179 0.58 13.09 -0.98
C PHE A 179 -0.28 14.35 -1.06
N PRO A 180 0.32 15.53 -1.15
CA PRO A 180 -0.49 16.75 -1.14
C PRO A 180 -1.27 16.92 -2.43
N ASP A 181 -2.53 17.35 -2.30
CA ASP A 181 -3.38 17.50 -3.49
C ASP A 181 -2.80 18.48 -4.50
N SER A 182 -2.17 19.56 -4.01
CA SER A 182 -1.60 20.54 -4.92
C SER A 182 -0.39 20.02 -5.68
N SER A 183 0.14 18.85 -5.33
CA SER A 183 1.27 18.25 -6.05
C SER A 183 0.85 17.49 -7.31
N THR A 184 -0.45 17.31 -7.53
CA THR A 184 -0.92 16.57 -8.70
C THR A 184 -0.42 17.22 -9.98
N HIS A 185 0.07 16.40 -10.91
CA HIS A 185 0.50 16.92 -12.21
C HIS A 185 0.51 15.77 -13.21
N ARG A 186 0.81 16.08 -14.46
CA ARG A 186 0.95 15.09 -15.51
C ARG A 186 2.43 14.91 -15.86
N ARG A 187 2.84 13.68 -16.08
CA ARG A 187 4.24 13.38 -16.35
C ARG A 187 4.31 12.14 -17.23
N LEU A 188 5.37 12.05 -18.03
CA LEU A 188 5.55 10.91 -18.92
C LEU A 188 5.80 9.64 -18.12
N PHE A 189 5.10 8.57 -18.49
CA PHE A 189 5.36 7.23 -17.97
C PHE A 189 5.84 6.36 -19.13
N HIS A 190 6.97 5.68 -18.92
CA HIS A 190 7.61 4.89 -19.97
C HIS A 190 7.17 3.43 -19.84
N LYS A 191 6.37 2.96 -20.81
CA LYS A 191 5.86 1.60 -20.77
C LYS A 191 6.95 0.59 -21.18
N SER A 192 6.68 -0.68 -20.88
CA SER A 192 7.66 -1.72 -21.14
C SER A 192 7.97 -1.88 -22.62
N ASP A 193 7.00 -1.62 -23.50
CA ASP A 193 7.20 -1.78 -24.93
C ASP A 193 7.97 -0.61 -25.57
N GLY A 194 8.52 0.31 -24.78
CA GLY A 194 9.22 1.46 -25.32
C GLY A 194 8.37 2.70 -25.57
N SER A 195 7.05 2.58 -25.55
CA SER A 195 6.18 3.71 -25.79
C SER A 195 5.95 4.50 -24.49
N THR A 196 5.33 5.67 -24.63
CA THR A 196 5.11 6.52 -23.46
C THR A 196 3.67 6.95 -23.40
N VAL A 197 3.27 7.39 -22.21
CA VAL A 197 1.94 7.90 -21.96
C VAL A 197 2.03 8.92 -20.85
N SER A 198 1.29 10.02 -20.97
CA SER A 198 1.32 11.05 -19.94
C SER A 198 0.22 10.75 -18.94
N VAL A 199 0.57 10.62 -17.67
CA VAL A 199 -0.40 10.16 -16.66
C VAL A 199 -0.32 11.06 -15.45
N PRO A 200 -1.38 11.08 -14.62
CA PRO A 200 -1.34 11.90 -13.42
C PRO A 200 -0.43 11.30 -12.37
N MET A 201 0.39 12.15 -11.76
CA MET A 201 1.32 11.73 -10.74
C MET A 201 1.25 12.71 -9.58
N MET A 202 1.68 12.25 -8.42
CA MET A 202 1.77 13.10 -7.25
C MET A 202 3.20 13.07 -6.73
N ALA A 203 3.49 13.99 -5.80
CA ALA A 203 4.86 14.20 -5.38
C ALA A 203 4.87 14.51 -3.90
N GLN A 204 5.90 14.02 -3.21
CA GLN A 204 6.01 14.20 -1.77
C GLN A 204 7.47 14.10 -1.38
N THR A 205 7.96 15.07 -0.64
CA THR A 205 9.28 14.93 -0.03
C THR A 205 9.11 14.37 1.37
N ASN A 206 10.00 13.47 1.76
CA ASN A 206 9.93 12.84 3.07
C ASN A 206 11.29 12.21 3.34
N LYS A 207 11.47 11.74 4.57
CA LYS A 207 12.59 10.86 4.89
C LYS A 207 12.08 9.43 4.72
N PHE A 208 12.26 8.89 3.52
CA PHE A 208 11.70 7.59 3.16
C PHE A 208 12.65 6.47 3.55
N ASN A 209 12.10 5.40 4.11
CA ASN A 209 12.91 4.19 4.26
C ASN A 209 13.21 3.67 2.87
N TYR A 210 14.51 3.47 2.59
CA TYR A 210 14.96 3.18 1.24
C TYR A 210 16.13 2.21 1.30
N THR A 211 16.16 1.27 0.35
CA THR A 211 17.38 0.49 0.13
C THR A 211 17.59 0.29 -1.37
N GLU A 212 18.85 0.28 -1.77
CA GLU A 212 19.21 -0.13 -3.12
C GLU A 212 19.56 -1.61 -3.07
N PHE A 213 18.78 -2.43 -3.76
CA PHE A 213 18.91 -3.88 -3.76
C PHE A 213 19.53 -4.35 -5.07
N THR A 214 20.56 -5.18 -4.97
CA THR A 214 21.16 -5.81 -6.14
C THR A 214 20.57 -7.21 -6.33
N THR A 215 20.01 -7.46 -7.49
CA THR A 215 19.42 -8.76 -7.79
C THR A 215 20.51 -9.75 -8.17
N PRO A 216 20.20 -11.06 -8.13
CA PRO A 216 21.19 -12.06 -8.55
C PRO A 216 21.74 -11.83 -9.95
N ASP A 217 20.96 -11.29 -10.87
CA ASP A 217 21.44 -10.99 -12.20
C ASP A 217 22.18 -9.66 -12.29
N GLY A 218 22.45 -9.03 -11.14
CA GLY A 218 23.33 -7.88 -11.09
C GLY A 218 22.67 -6.53 -11.32
N HIS A 219 21.35 -6.47 -11.37
CA HIS A 219 20.65 -5.22 -11.66
C HIS A 219 20.22 -4.55 -10.37
N TYR A 220 20.30 -3.21 -10.37
CA TYR A 220 19.93 -2.44 -9.19
C TYR A 220 18.44 -2.16 -9.20
N TYR A 221 17.83 -2.27 -8.02
CA TYR A 221 16.44 -1.88 -7.78
C TYR A 221 16.39 -0.80 -6.71
N ASP A 222 15.61 0.25 -6.96
CA ASP A 222 15.21 1.17 -5.90
C ASP A 222 14.06 0.55 -5.14
N ILE A 223 14.19 0.42 -3.83
CA ILE A 223 13.12 -0.15 -3.00
C ILE A 223 12.77 0.84 -1.91
N LEU A 224 11.49 1.22 -1.85
CA LEU A 224 11.06 2.28 -0.97
C LEU A 224 9.84 1.82 -0.20
N GLU A 225 9.74 2.22 1.05
CA GLU A 225 8.60 1.90 1.90
C GLU A 225 7.73 3.14 2.11
N LEU A 226 6.42 2.97 1.95
CA LEU A 226 5.44 4.00 2.27
C LEU A 226 4.55 3.49 3.39
N PRO A 227 4.74 3.93 4.62
CA PRO A 227 3.90 3.45 5.72
C PRO A 227 2.47 3.94 5.60
N TYR A 228 1.55 3.08 6.05
CA TYR A 228 0.15 3.48 6.14
C TYR A 228 -0.13 4.05 7.53
N HIS A 229 -1.22 4.81 7.63
CA HIS A 229 -1.46 5.62 8.84
C HIS A 229 -1.60 4.76 10.09
N GLY A 230 -2.04 3.52 9.97
CA GLY A 230 -2.17 2.68 11.15
C GLY A 230 -0.85 2.28 11.79
N ASP A 231 0.28 2.53 11.12
CA ASP A 231 1.63 2.18 11.56
C ASP A 231 1.90 0.68 11.56
N THR A 232 0.97 -0.14 11.07
CA THR A 232 1.21 -1.59 11.00
C THR A 232 1.36 -2.14 9.59
N LEU A 233 0.75 -1.51 8.59
CA LEU A 233 0.91 -1.88 7.19
C LEU A 233 1.77 -0.85 6.46
N SER A 234 2.53 -1.33 5.47
CA SER A 234 3.28 -0.44 4.59
C SER A 234 3.14 -0.92 3.16
N MET A 235 3.27 0.01 2.22
CA MET A 235 3.44 -0.36 0.81
C MET A 235 4.91 -0.28 0.45
N PHE A 236 5.44 -1.35 -0.13
CA PHE A 236 6.81 -1.36 -0.64
C PHE A 236 6.75 -1.22 -2.15
N ILE A 237 7.55 -0.31 -2.69
CA ILE A 237 7.65 -0.09 -4.13
C ILE A 237 9.04 -0.52 -4.58
N ALA A 238 9.12 -1.26 -5.68
CA ALA A 238 10.40 -1.75 -6.20
C ALA A 238 10.45 -1.57 -7.71
N ALA A 239 11.39 -0.77 -8.19
CA ALA A 239 11.60 -0.60 -9.62
C ALA A 239 13.08 -0.71 -9.95
N PRO A 240 13.40 -1.25 -11.11
CA PRO A 240 14.81 -1.26 -11.55
C PRO A 240 15.32 0.15 -11.75
N TYR A 241 16.61 0.34 -11.45
CA TYR A 241 17.24 1.61 -11.79
C TYR A 241 17.29 1.82 -13.30
N GLU A 242 17.65 0.77 -14.04
CA GLU A 242 17.77 0.85 -15.50
C GLU A 242 16.45 0.53 -16.17
N LYS A 243 16.16 1.28 -17.25
CA LYS A 243 14.81 1.30 -17.82
C LYS A 243 14.38 -0.08 -18.31
N GLU A 244 15.16 -0.70 -19.20
CA GLU A 244 14.71 -1.92 -19.87
C GLU A 244 15.07 -3.19 -19.12
N VAL A 245 14.91 -3.23 -17.81
CA VAL A 245 15.05 -4.47 -17.03
C VAL A 245 13.64 -5.00 -16.74
N PRO A 246 13.29 -6.20 -17.18
CA PRO A 246 11.95 -6.72 -16.90
C PRO A 246 11.77 -7.05 -15.42
N LEU A 247 10.54 -6.90 -14.94
CA LEU A 247 10.23 -7.22 -13.55
C LEU A 247 10.24 -8.73 -13.28
N SER A 248 10.16 -9.55 -14.32
CA SER A 248 9.93 -10.98 -14.11
C SER A 248 11.04 -11.62 -13.27
N ALA A 249 12.29 -11.24 -13.53
CA ALA A 249 13.41 -11.91 -12.86
C ALA A 249 13.29 -11.80 -11.34
N LEU A 250 13.06 -10.57 -10.84
CA LEU A 250 12.88 -10.40 -9.40
C LEU A 250 11.56 -11.00 -8.91
N THR A 251 10.49 -10.89 -9.69
CA THR A 251 9.22 -11.48 -9.32
C THR A 251 9.40 -12.96 -8.99
N ASN A 252 10.22 -13.65 -9.75
CA ASN A 252 10.34 -15.10 -9.65
C ASN A 252 11.29 -15.56 -8.53
N ILE A 253 11.77 -14.66 -7.68
CA ILE A 253 12.43 -15.05 -6.44
C ILE A 253 11.77 -14.48 -5.20
N LEU A 254 10.65 -13.76 -5.35
CA LEU A 254 10.04 -13.07 -4.23
C LEU A 254 9.55 -14.06 -3.17
N SER A 255 9.63 -13.60 -1.92
CA SER A 255 9.16 -14.35 -0.76
C SER A 255 8.95 -13.35 0.38
N ALA A 256 8.21 -13.77 1.40
CA ALA A 256 8.02 -12.91 2.56
C ALA A 256 9.34 -12.59 3.24
N GLN A 257 10.27 -13.55 3.28
CA GLN A 257 11.55 -13.29 3.92
C GLN A 257 12.40 -12.31 3.12
N LEU A 258 12.36 -12.39 1.78
CA LEU A 258 13.13 -11.44 0.98
C LEU A 258 12.65 -10.02 1.20
N ILE A 259 11.34 -9.83 1.35
CA ILE A 259 10.84 -8.48 1.60
C ILE A 259 11.29 -8.01 2.98
N SER A 260 11.25 -8.90 3.98
CA SER A 260 11.80 -8.57 5.29
C SER A 260 13.28 -8.24 5.22
N HIS A 261 14.01 -8.90 4.31
CA HIS A 261 15.43 -8.59 4.13
C HIS A 261 15.61 -7.16 3.62
N TRP A 262 14.80 -6.77 2.62
CA TRP A 262 14.82 -5.38 2.16
C TRP A 262 14.60 -4.41 3.33
N LYS A 263 13.50 -4.61 4.05
CA LYS A 263 13.14 -3.73 5.17
C LYS A 263 14.26 -3.63 6.19
N GLY A 264 14.93 -4.75 6.47
CA GLY A 264 16.03 -4.72 7.42
C GLY A 264 17.23 -3.90 6.96
N ASN A 265 17.42 -3.80 5.65
CA ASN A 265 18.51 -3.02 5.09
C ASN A 265 18.15 -1.54 4.84
N MET A 266 16.92 -1.14 5.11
CA MET A 266 16.53 0.23 4.79
C MET A 266 17.06 1.22 5.83
N THR A 267 17.34 2.43 5.37
CA THR A 267 17.52 3.59 6.23
C THR A 267 16.69 4.74 5.67
N ARG A 268 16.33 5.67 6.54
CA ARG A 268 15.50 6.80 6.13
C ARG A 268 16.38 7.86 5.47
N LEU A 269 16.12 8.15 4.20
CA LEU A 269 16.89 9.10 3.42
C LEU A 269 15.97 10.19 2.89
N PRO A 270 16.43 11.44 2.90
CA PRO A 270 15.62 12.54 2.34
C PRO A 270 15.48 12.40 0.83
N ARG A 271 14.23 12.35 0.35
CA ARG A 271 13.98 12.25 -1.08
C ARG A 271 12.68 12.93 -1.45
N LEU A 272 12.65 13.52 -2.63
CA LEU A 272 11.42 13.83 -3.35
C LEU A 272 11.00 12.59 -4.13
N LEU A 273 9.84 12.04 -3.80
CA LEU A 273 9.28 10.89 -4.49
C LEU A 273 8.14 11.31 -5.38
N VAL A 274 8.22 10.96 -6.66
CA VAL A 274 7.12 11.17 -7.60
C VAL A 274 6.52 9.80 -7.91
N LEU A 275 5.22 9.65 -7.65
CA LEU A 275 4.53 8.37 -7.75
C LEU A 275 3.24 8.56 -8.53
N PRO A 276 2.99 7.74 -9.56
CA PRO A 276 1.71 7.86 -10.26
C PRO A 276 0.55 7.54 -9.34
N LYS A 277 -0.58 8.19 -9.60
CA LYS A 277 -1.84 7.66 -9.10
C LYS A 277 -2.14 6.37 -9.84
N PHE A 278 -2.69 5.38 -9.14
CA PHE A 278 -3.16 4.22 -9.87
C PHE A 278 -4.32 3.58 -9.12
N SER A 279 -5.22 3.02 -9.91
CA SER A 279 -6.38 2.28 -9.43
C SER A 279 -6.40 0.99 -10.23
N LEU A 280 -6.15 -0.12 -9.58
CA LEU A 280 -6.05 -1.40 -10.25
C LEU A 280 -7.23 -2.29 -9.88
N GLU A 281 -7.65 -3.11 -10.84
CA GLU A 281 -8.75 -4.06 -10.67
C GLU A 281 -8.38 -5.30 -11.47
N THR A 282 -8.29 -6.44 -10.79
CA THR A 282 -7.91 -7.69 -11.44
C THR A 282 -8.88 -8.75 -10.99
N GLU A 283 -9.40 -9.52 -11.94
CA GLU A 283 -10.13 -10.75 -11.67
C GLU A 283 -9.28 -11.91 -12.15
N VAL A 284 -8.94 -12.81 -11.24
CA VAL A 284 -8.11 -13.97 -11.56
C VAL A 284 -8.99 -15.22 -11.51
N ASP A 285 -9.11 -15.90 -12.64
CA ASP A 285 -9.60 -17.28 -12.68
C ASP A 285 -8.48 -18.18 -12.14
N LEU A 286 -8.64 -18.66 -10.92
CA LEU A 286 -7.56 -19.36 -10.24
C LEU A 286 -7.30 -20.77 -10.80
N ARG A 287 -8.11 -21.27 -11.73
CA ARG A 287 -7.98 -22.67 -12.14
C ARG A 287 -6.60 -22.97 -12.71
N LYS A 288 -6.21 -22.27 -13.77
CA LYS A 288 -4.91 -22.57 -14.39
C LYS A 288 -3.74 -22.37 -13.42
N PRO A 289 -3.64 -21.27 -12.67
CA PRO A 289 -2.51 -21.16 -11.72
C PRO A 289 -2.49 -22.27 -10.69
N LEU A 290 -3.66 -22.67 -10.17
CA LEU A 290 -3.68 -23.74 -9.18
C LEU A 290 -3.34 -25.09 -9.80
N GLU A 291 -3.82 -25.33 -11.03
CA GLU A 291 -3.46 -26.58 -11.72
C GLU A 291 -1.96 -26.62 -11.99
N ASN A 292 -1.36 -25.48 -12.33
CA ASN A 292 0.08 -25.43 -12.56
C ASN A 292 0.86 -25.79 -11.32
N LEU A 293 0.31 -25.50 -10.15
CA LEU A 293 0.97 -25.85 -8.89
C LEU A 293 0.55 -27.23 -8.37
N GLY A 294 -0.08 -28.04 -9.21
CA GLY A 294 -0.37 -29.43 -8.87
C GLY A 294 -1.76 -29.70 -8.36
N MET A 295 -2.61 -28.67 -8.22
CA MET A 295 -3.96 -28.88 -7.69
C MET A 295 -4.92 -29.10 -8.87
N THR A 296 -4.85 -30.29 -9.46
CA THR A 296 -5.64 -30.60 -10.64
C THR A 296 -6.94 -31.34 -10.32
N ASP A 297 -6.93 -32.21 -9.31
CA ASP A 297 -8.07 -33.08 -9.09
C ASP A 297 -9.32 -32.30 -8.71
N MET A 298 -9.16 -31.23 -7.93
CA MET A 298 -10.30 -30.48 -7.42
C MET A 298 -11.20 -29.95 -8.54
N PHE A 299 -10.65 -29.77 -9.74
CA PHE A 299 -11.43 -29.26 -10.87
C PHE A 299 -12.00 -30.33 -11.77
N ARG A 300 -11.75 -31.61 -11.48
CA ARG A 300 -12.09 -32.71 -12.38
C ARG A 300 -13.32 -33.45 -11.85
N GLN A 301 -14.38 -33.47 -12.66
CA GLN A 301 -15.71 -33.83 -12.17
C GLN A 301 -15.73 -35.17 -11.44
N PHE A 302 -15.05 -36.18 -11.97
CA PHE A 302 -15.09 -37.49 -11.33
C PHE A 302 -13.83 -37.81 -10.53
N GLN A 303 -12.74 -37.07 -10.73
CA GLN A 303 -11.53 -37.31 -9.96
C GLN A 303 -11.56 -36.60 -8.61
N ALA A 304 -12.28 -35.47 -8.53
CA ALA A 304 -12.27 -34.67 -7.31
C ALA A 304 -12.83 -35.45 -6.12
N ASP A 305 -12.22 -35.25 -4.97
CA ASP A 305 -12.63 -35.86 -3.70
C ASP A 305 -13.00 -34.75 -2.73
N PHE A 306 -14.30 -34.48 -2.59
CA PHE A 306 -14.83 -33.56 -1.59
C PHE A 306 -15.68 -34.29 -0.57
N THR A 307 -15.25 -35.50 -0.20
CA THR A 307 -16.08 -36.36 0.63
C THR A 307 -16.07 -35.96 2.11
N SER A 308 -15.22 -35.01 2.53
CA SER A 308 -15.37 -34.44 3.86
C SER A 308 -16.52 -33.45 3.94
N LEU A 309 -16.94 -32.90 2.81
CA LEU A 309 -18.08 -32.01 2.73
C LEU A 309 -19.36 -32.79 2.42
N SER A 310 -19.28 -33.69 1.45
CA SER A 310 -20.42 -34.52 1.05
C SER A 310 -19.87 -35.80 0.44
N ASP A 311 -20.43 -36.94 0.85
CA ASP A 311 -19.89 -38.24 0.44
C ASP A 311 -20.86 -39.09 -0.36
N GLN A 312 -22.05 -38.58 -0.67
CA GLN A 312 -23.04 -39.36 -1.38
C GLN A 312 -23.37 -38.80 -2.76
N GLU A 313 -22.76 -37.67 -3.16
CA GLU A 313 -22.97 -37.13 -4.49
C GLU A 313 -21.64 -36.65 -5.05
N PRO A 314 -21.39 -36.87 -6.35
CA PRO A 314 -20.15 -36.39 -6.96
C PRO A 314 -20.09 -34.86 -6.98
N LEU A 315 -18.86 -34.33 -6.93
CA LEU A 315 -18.70 -32.93 -6.57
C LEU A 315 -17.30 -32.46 -6.96
N HIS A 316 -17.22 -31.29 -7.60
CA HIS A 316 -15.93 -30.68 -7.94
C HIS A 316 -16.11 -29.18 -8.03
N VAL A 317 -14.99 -28.45 -8.02
CA VAL A 317 -15.00 -26.99 -8.10
C VAL A 317 -15.31 -26.57 -9.53
N ALA A 318 -16.43 -25.89 -9.72
CA ALA A 318 -16.76 -25.34 -11.04
C ALA A 318 -16.02 -24.05 -11.31
N GLN A 319 -15.92 -23.17 -10.32
CA GLN A 319 -15.20 -21.91 -10.44
C GLN A 319 -14.44 -21.61 -9.17
N ALA A 320 -13.23 -21.07 -9.32
CA ALA A 320 -12.43 -20.52 -8.23
C ALA A 320 -11.91 -19.16 -8.69
N LEU A 321 -12.35 -18.10 -8.03
CA LEU A 321 -12.05 -16.74 -8.47
C LEU A 321 -11.47 -15.92 -7.34
N GLN A 322 -10.53 -15.03 -7.68
CA GLN A 322 -10.16 -13.92 -6.82
C GLN A 322 -10.39 -12.64 -7.62
N LYS A 323 -10.99 -11.66 -6.99
CA LYS A 323 -11.08 -10.33 -7.57
C LYS A 323 -10.63 -9.31 -6.54
N VAL A 324 -9.72 -8.41 -6.95
CA VAL A 324 -9.13 -7.45 -6.04
C VAL A 324 -9.24 -6.06 -6.70
N LYS A 325 -9.62 -5.07 -5.91
CA LYS A 325 -9.62 -3.67 -6.31
C LYS A 325 -8.76 -2.89 -5.32
N ILE A 326 -7.78 -2.13 -5.83
CA ILE A 326 -6.92 -1.32 -4.96
C ILE A 326 -6.86 0.10 -5.52
N GLU A 327 -6.86 1.08 -4.64
CA GLU A 327 -6.79 2.49 -5.00
C GLU A 327 -5.62 3.12 -4.26
N VAL A 328 -4.73 3.77 -5.00
CA VAL A 328 -3.56 4.40 -4.44
C VAL A 328 -3.53 5.86 -4.89
N ASN A 329 -3.50 6.78 -3.93
CA ASN A 329 -3.31 8.22 -4.17
C ASN A 329 -4.60 8.85 -4.71
N GLU A 330 -5.74 8.46 -4.15
CA GLU A 330 -7.02 9.05 -4.53
C GLU A 330 -7.92 9.30 -3.33
N THR A 333 -10.74 12.10 0.78
CA THR A 333 -9.51 12.87 0.95
C THR A 333 -9.22 13.10 2.45
N VAL A 334 -7.99 13.53 2.75
CA VAL A 334 -7.58 13.85 4.11
C VAL A 334 -7.76 15.34 4.32
N ALA A 335 -7.69 15.78 5.57
CA ALA A 335 -7.77 17.21 5.87
C ALA A 335 -6.55 17.94 5.30
N SER A 336 -6.76 19.21 4.93
CA SER A 336 -5.67 20.00 4.35
C SER A 336 -4.48 20.09 5.29
N SER A 337 -4.73 20.09 6.61
CA SER A 337 -3.67 20.15 7.60
C SER A 337 -2.97 18.82 7.79
N SER A 338 -3.52 17.73 7.25
CA SER A 338 -2.96 16.41 7.48
C SER A 338 -2.29 15.81 6.24
N THR A 339 -2.45 16.43 5.07
CA THR A 339 -1.61 16.02 3.96
C THR A 339 -0.19 16.55 4.16
N ALA A 340 0.71 16.13 3.27
CA ALA A 340 2.09 16.51 3.43
C ALA A 340 2.24 18.02 3.30
N VAL A 341 3.35 18.52 3.83
CA VAL A 341 3.85 19.81 3.41
C VAL A 341 4.29 19.69 1.95
N ILE A 342 3.81 20.61 1.11
CA ILE A 342 4.29 20.73 -0.26
C ILE A 342 5.71 21.28 -0.26
N VAL A 343 6.62 20.63 -0.99
CA VAL A 343 8.00 21.08 -1.10
C VAL A 343 8.40 21.10 -2.57
N SER A 344 8.75 22.28 -3.08
CA SER A 344 9.07 22.39 -4.49
C SER A 344 10.39 21.69 -4.81
N ALA A 345 10.55 21.29 -6.07
CA ALA A 345 11.74 20.54 -6.47
C ALA A 345 13.00 21.37 -6.24
N ARG A 346 12.88 22.70 -6.28
CA ARG A 346 14.01 23.58 -6.05
C ARG A 346 14.62 23.38 -4.66
N MET A 347 13.80 22.99 -3.68
CA MET A 347 14.26 22.72 -2.31
C MET A 347 14.68 21.27 -2.08
N ALA A 348 14.58 20.39 -3.09
CA ALA A 348 14.77 18.96 -2.89
C ALA A 348 15.79 18.39 -3.87
N PRO A 349 17.08 18.39 -3.50
CA PRO A 349 18.13 18.03 -4.46
C PRO A 349 18.28 16.55 -4.76
N GLU A 350 17.54 15.66 -4.11
CA GLU A 350 17.61 14.22 -4.39
C GLU A 350 16.20 13.70 -4.57
N GLU A 351 15.95 12.98 -5.67
CA GLU A 351 14.61 12.59 -6.07
C GLU A 351 14.59 11.17 -6.61
N ILE A 352 13.41 10.55 -6.55
CA ILE A 352 13.12 9.26 -7.16
C ILE A 352 11.84 9.41 -7.94
N ILE A 353 11.88 9.16 -9.24
CA ILE A 353 10.71 9.28 -10.11
C ILE A 353 10.28 7.89 -10.53
N MET A 354 9.07 7.48 -10.14
CA MET A 354 8.55 6.16 -10.52
C MET A 354 7.79 6.27 -11.84
N ASP A 355 8.55 6.47 -12.92
CA ASP A 355 7.95 6.71 -14.23
C ASP A 355 8.18 5.55 -15.19
N ARG A 356 8.38 4.35 -14.64
CA ARG A 356 8.57 3.13 -15.40
C ARG A 356 7.90 1.98 -14.62
N PRO A 357 7.67 0.81 -15.23
CA PRO A 357 6.92 -0.24 -14.50
C PRO A 357 7.60 -0.60 -13.19
N PHE A 358 6.77 -0.87 -12.17
CA PHE A 358 7.28 -1.22 -10.86
C PHE A 358 6.41 -2.28 -10.22
N LEU A 359 7.03 -3.03 -9.29
CA LEU A 359 6.35 -3.95 -8.39
C LEU A 359 5.94 -3.23 -7.11
N PHE A 360 4.85 -3.69 -6.52
CA PHE A 360 4.45 -3.18 -5.22
C PHE A 360 3.92 -4.34 -4.37
N VAL A 361 4.08 -4.19 -3.06
CA VAL A 361 3.52 -5.13 -2.09
C VAL A 361 2.95 -4.33 -0.94
N VAL A 362 1.83 -4.78 -0.42
CA VAL A 362 1.29 -4.27 0.83
C VAL A 362 1.55 -5.32 1.90
N ARG A 363 2.27 -4.93 2.94
CA ARG A 363 2.84 -5.85 3.91
C ARG A 363 2.37 -5.51 5.31
N HIS A 364 2.05 -6.53 6.09
CA HIS A 364 1.77 -6.38 7.53
C HIS A 364 3.12 -6.52 8.23
N ASN A 365 3.66 -5.40 8.69
CA ASN A 365 5.06 -5.37 9.12
C ASN A 365 5.35 -6.19 10.36
N PRO A 366 4.46 -6.27 11.35
CA PRO A 366 4.78 -7.12 12.51
C PRO A 366 4.89 -8.60 12.18
N THR A 367 4.10 -9.11 11.22
CA THR A 367 4.14 -10.52 10.86
C THR A 367 4.88 -10.79 9.55
N GLY A 368 5.08 -9.78 8.71
CA GLY A 368 5.61 -10.00 7.38
C GLY A 368 4.60 -10.54 6.37
N THR A 369 3.32 -10.63 6.75
CA THR A 369 2.28 -11.14 5.86
C THR A 369 2.16 -10.27 4.62
N VAL A 370 2.12 -10.92 3.46
CA VAL A 370 1.98 -10.23 2.19
C VAL A 370 0.48 -10.16 1.87
N LEU A 371 -0.11 -8.99 2.08
CA LEU A 371 -1.55 -8.84 1.90
C LEU A 371 -1.91 -8.64 0.44
N PHE A 372 -1.15 -7.79 -0.27
CA PHE A 372 -1.35 -7.52 -1.68
C PHE A 372 0.00 -7.47 -2.37
N MET A 373 0.01 -7.78 -3.66
CA MET A 373 1.20 -7.55 -4.46
C MET A 373 0.76 -7.45 -5.91
N GLY A 374 1.56 -6.76 -6.72
CA GLY A 374 1.16 -6.52 -8.09
C GLY A 374 2.26 -5.85 -8.86
N GLN A 375 1.95 -5.56 -10.12
CA GLN A 375 2.83 -4.79 -10.98
C GLN A 375 2.01 -3.70 -11.65
N VAL A 376 2.58 -2.51 -11.68
CA VAL A 376 1.99 -1.38 -12.38
C VAL A 376 2.76 -1.27 -13.69
N MET A 377 2.12 -1.69 -14.78
CA MET A 377 2.70 -1.59 -16.10
C MET A 377 2.25 -0.33 -16.83
N GLU A 378 1.06 0.17 -16.51
CA GLU A 378 0.57 1.41 -17.09
C GLU A 378 -0.50 2.00 -16.17
N PRO A 379 -0.19 3.08 -15.44
CA PRO A 379 -1.13 3.73 -14.54
C PRO A 379 -2.36 4.26 -15.30
N GLN B 1 12.72 17.98 26.47
CA GLN B 1 12.20 17.72 25.15
C GLN B 1 12.63 18.89 24.27
N VAL B 2 13.02 18.61 23.03
CA VAL B 2 13.26 19.69 22.07
C VAL B 2 11.91 20.29 21.68
N GLN B 3 11.72 21.58 21.98
CA GLN B 3 10.47 22.27 21.66
C GLN B 3 10.83 23.54 20.89
N LEU B 4 10.64 23.52 19.57
CA LEU B 4 10.89 24.72 18.78
C LEU B 4 9.81 25.76 19.06
N VAL B 5 10.22 27.03 19.17
CA VAL B 5 9.30 28.14 19.34
C VAL B 5 9.68 29.24 18.37
N GLU B 6 8.68 29.76 17.65
CA GLU B 6 8.85 30.84 16.70
C GLU B 6 8.47 32.18 17.33
N SER B 7 9.15 33.24 16.90
CA SER B 7 8.87 34.60 17.34
C SER B 7 9.15 35.55 16.18
N GLY B 8 8.86 36.83 16.38
CA GLY B 8 9.16 37.83 15.37
C GLY B 8 8.07 38.01 14.32
N GLY B 9 6.94 37.33 14.46
CA GLY B 9 5.83 37.55 13.56
C GLY B 9 5.18 38.90 13.81
N GLY B 10 4.19 39.21 12.99
CA GLY B 10 3.45 40.44 13.21
C GLY B 10 2.66 40.84 11.98
N LEU B 11 2.14 42.06 12.05
CA LEU B 11 1.39 42.71 10.99
C LEU B 11 2.29 43.76 10.37
N VAL B 12 2.42 43.72 9.05
CA VAL B 12 3.15 44.75 8.31
C VAL B 12 2.35 45.09 7.05
N GLN B 13 2.63 46.23 6.52
CA GLN B 13 2.04 46.65 5.27
C GLN B 13 2.88 46.11 4.11
N PRO B 14 2.27 45.96 2.93
CA PRO B 14 3.00 45.45 1.77
C PRO B 14 4.31 46.18 1.55
N GLY B 15 5.35 45.41 1.24
CA GLY B 15 6.67 45.94 0.98
C GLY B 15 7.59 45.91 2.18
N GLY B 16 7.06 45.79 3.39
CA GLY B 16 7.87 45.85 4.58
C GLY B 16 8.63 44.56 4.82
N SER B 17 9.21 44.49 6.01
CA SER B 17 10.05 43.37 6.41
C SER B 17 9.67 42.89 7.80
N LEU B 18 9.90 41.60 8.01
CA LEU B 18 9.86 40.96 9.32
C LEU B 18 11.12 40.11 9.45
N ARG B 19 11.49 39.80 10.68
CA ARG B 19 12.53 38.79 10.92
C ARG B 19 11.98 37.77 11.90
N LEU B 20 11.64 36.59 11.39
CA LEU B 20 11.21 35.50 12.27
C LEU B 20 12.43 34.86 12.92
N SER B 21 12.23 34.33 14.11
CA SER B 21 13.28 33.62 14.82
C SER B 21 12.74 32.28 15.30
N CYS B 22 13.66 31.31 15.37
CA CYS B 22 13.38 29.95 15.80
C CYS B 22 14.46 29.54 16.78
N ALA B 23 14.02 29.06 17.94
CA ALA B 23 14.92 28.58 18.97
C ALA B 23 14.23 27.44 19.71
N ALA B 24 15.03 26.60 20.35
CA ALA B 24 14.52 25.53 21.22
C ALA B 24 15.27 25.62 22.54
N SER B 25 14.53 25.96 23.60
CA SER B 25 15.15 26.24 24.89
C SER B 25 15.97 25.04 25.36
N GLY B 26 17.28 25.28 25.60
CA GLY B 26 18.17 24.26 26.09
C GLY B 26 18.98 23.53 25.06
N PHE B 27 18.82 23.85 23.77
CA PHE B 27 19.41 23.06 22.69
C PHE B 27 20.07 23.94 21.64
N SER B 28 21.23 23.51 21.16
CA SER B 28 21.86 24.18 20.05
C SER B 28 21.28 23.64 18.74
N LEU B 29 21.02 24.54 17.80
CA LEU B 29 20.47 24.17 16.50
C LEU B 29 21.54 23.99 15.43
N ASP B 30 22.81 24.17 15.77
CA ASP B 30 23.83 24.21 14.73
C ASP B 30 24.01 22.85 14.04
N ASN B 31 23.64 21.75 14.72
CA ASN B 31 23.75 20.42 14.13
C ASN B 31 22.43 19.93 13.52
N TYR B 32 21.43 20.80 13.40
CA TYR B 32 20.16 20.49 12.77
C TYR B 32 20.02 21.21 11.44
N ALA B 33 19.48 20.53 10.45
CA ALA B 33 18.83 21.24 9.36
C ALA B 33 17.62 21.96 9.93
N ILE B 34 17.49 23.25 9.63
CA ILE B 34 16.41 24.09 10.14
C ILE B 34 15.67 24.67 8.95
N GLY B 35 14.34 24.55 8.98
CA GLY B 35 13.53 25.00 7.87
C GLY B 35 12.33 25.79 8.35
N TRP B 36 11.72 26.50 7.41
CA TRP B 36 10.46 27.18 7.66
C TRP B 36 9.45 26.73 6.62
N PHE B 37 8.22 26.43 7.07
CA PHE B 37 7.11 26.23 6.18
C PHE B 37 5.94 27.10 6.65
N ARG B 38 4.90 27.18 5.83
CA ARG B 38 3.83 28.12 6.15
C ARG B 38 2.51 27.54 5.69
N GLN B 39 1.43 28.01 6.31
CA GLN B 39 0.09 27.58 5.94
C GLN B 39 -0.82 28.80 5.93
N ALA B 40 -1.25 29.17 4.74
CA ALA B 40 -2.26 30.20 4.53
C ALA B 40 -3.66 29.63 4.74
N PRO B 41 -4.65 30.48 5.05
CA PRO B 41 -5.97 29.96 5.43
C PRO B 41 -6.57 29.06 4.34
N GLY B 42 -6.98 27.88 4.74
CA GLY B 42 -7.60 26.93 3.83
C GLY B 42 -6.67 26.21 2.90
N LYS B 43 -5.37 26.50 2.90
CA LYS B 43 -4.45 25.91 1.93
C LYS B 43 -3.60 24.82 2.59
N GLU B 44 -2.95 24.03 1.75
CA GLU B 44 -2.00 23.04 2.26
C GLU B 44 -0.73 23.75 2.71
N ARG B 45 -0.01 23.13 3.64
CA ARG B 45 1.27 23.67 4.10
C ARG B 45 2.31 23.63 2.98
N GLU B 46 3.19 24.63 2.93
CA GLU B 46 4.23 24.65 1.91
C GLU B 46 5.57 25.04 2.53
N GLY B 47 6.63 24.34 2.12
CA GLY B 47 7.97 24.68 2.55
C GLY B 47 8.43 25.99 1.92
N VAL B 48 9.19 26.77 2.70
CA VAL B 48 9.56 28.13 2.32
C VAL B 48 11.08 28.30 2.24
N SER B 49 11.80 27.86 3.27
CA SER B 49 13.25 28.04 3.32
C SER B 49 13.87 26.97 4.22
N CYS B 50 15.16 26.71 3.99
CA CYS B 50 15.88 25.67 4.70
C CYS B 50 17.36 26.01 4.74
N ILE B 51 18.02 25.68 5.86
CA ILE B 51 19.48 25.78 5.96
C ILE B 51 20.03 24.44 6.44
N SER B 52 21.11 24.00 5.81
CA SER B 52 21.64 22.68 6.04
C SER B 52 22.32 22.61 7.41
N SER B 53 22.42 21.40 7.96
CA SER B 53 23.22 21.21 9.16
C SER B 53 24.70 21.04 8.86
N SER B 54 25.06 20.66 7.64
CA SER B 54 26.39 20.13 7.31
C SER B 54 27.28 21.14 6.59
N ASP B 55 26.72 21.90 5.66
CA ASP B 55 27.42 22.87 4.85
C ASP B 55 26.74 24.23 5.04
N GLY B 56 27.12 25.18 4.19
CA GLY B 56 26.42 26.44 4.16
C GLY B 56 25.12 26.47 3.37
N SER B 57 24.76 25.38 2.68
CA SER B 57 23.73 25.44 1.66
C SER B 57 22.40 25.90 2.24
N THR B 58 21.73 26.77 1.49
CA THR B 58 20.37 27.16 1.82
C THR B 58 19.50 26.86 0.61
N TYR B 59 18.20 26.76 0.86
CA TYR B 59 17.22 26.43 -0.16
C TYR B 59 16.03 27.34 0.04
N TYR B 60 15.41 27.75 -1.06
CA TYR B 60 14.30 28.68 -1.01
C TYR B 60 13.27 28.24 -2.02
N THR B 61 11.99 28.35 -1.65
CA THR B 61 10.95 28.07 -2.62
C THR B 61 10.89 29.21 -3.64
N ASP B 62 10.36 28.87 -4.83
CA ASP B 62 10.37 29.76 -5.98
C ASP B 62 9.82 31.15 -5.66
N SER B 63 8.72 31.21 -4.91
CA SER B 63 8.02 32.47 -4.69
C SER B 63 8.68 33.39 -3.67
N VAL B 64 9.76 32.97 -3.01
CA VAL B 64 10.43 33.80 -2.01
C VAL B 64 11.91 33.99 -2.32
N GLU B 65 12.44 33.30 -3.32
CA GLU B 65 13.83 33.45 -3.70
C GLU B 65 14.15 34.91 -3.98
N GLY B 66 15.23 35.40 -3.39
CA GLY B 66 15.62 36.80 -3.55
C GLY B 66 14.95 37.77 -2.60
N ARG B 67 13.88 37.37 -1.91
CA ARG B 67 13.25 38.20 -0.89
C ARG B 67 13.50 37.71 0.52
N PHE B 68 13.75 36.42 0.70
CA PHE B 68 13.90 35.84 2.03
C PHE B 68 15.37 35.44 2.24
N THR B 69 15.82 35.54 3.49
CA THR B 69 17.17 35.09 3.83
C THR B 69 17.12 34.33 5.14
N ILE B 70 17.50 33.05 5.13
CA ILE B 70 17.60 32.26 6.35
C ILE B 70 19.05 32.26 6.81
N SER B 71 19.28 32.41 8.12
CA SER B 71 20.65 32.55 8.61
C SER B 71 20.69 32.18 10.09
N ARG B 72 21.90 31.90 10.57
CA ARG B 72 22.12 31.46 11.94
C ARG B 72 22.71 32.55 12.82
N ASP B 73 22.22 32.64 14.07
CA ASP B 73 22.92 33.29 15.18
C ASP B 73 23.31 32.18 16.14
N ASN B 74 24.55 31.75 16.07
CA ASN B 74 24.96 30.61 16.90
C ASN B 74 25.10 31.00 18.36
N ALA B 75 25.45 32.26 18.65
CA ALA B 75 25.53 32.70 20.04
C ALA B 75 24.18 32.56 20.75
N LYS B 76 23.08 32.81 20.04
CA LYS B 76 21.75 32.73 20.61
C LYS B 76 21.05 31.39 20.32
N ASN B 77 21.77 30.43 19.74
CA ASN B 77 21.19 29.13 19.39
C ASN B 77 19.92 29.32 18.56
N THR B 78 19.98 30.22 17.58
CA THR B 78 18.78 30.67 16.89
C THR B 78 19.01 30.61 15.39
N VAL B 79 17.91 30.42 14.65
CA VAL B 79 17.87 30.60 13.20
C VAL B 79 16.85 31.69 12.88
N TYR B 80 17.23 32.63 12.03
CA TYR B 80 16.37 33.72 11.58
C TYR B 80 15.85 33.48 10.17
N LEU B 81 14.65 33.97 9.90
CA LEU B 81 14.11 34.06 8.55
C LEU B 81 13.81 35.54 8.30
N GLN B 82 14.68 36.20 7.56
CA GLN B 82 14.46 37.58 7.13
C GLN B 82 13.50 37.56 5.94
N MET B 83 12.38 38.25 6.07
CA MET B 83 11.38 38.30 5.02
C MET B 83 11.26 39.74 4.54
N ASN B 84 11.72 40.01 3.33
CA ASN B 84 11.65 41.35 2.77
C ASN B 84 10.59 41.43 1.69
N SER B 85 10.17 42.65 1.37
CA SER B 85 9.26 42.88 0.25
C SER B 85 8.02 42.01 0.39
N LEU B 86 7.46 41.99 1.60
CA LEU B 86 6.33 41.12 1.88
C LEU B 86 5.09 41.52 1.07
N LYS B 87 4.39 40.51 0.57
CA LYS B 87 3.18 40.68 -0.22
C LYS B 87 1.99 40.11 0.53
N PRO B 88 0.77 40.56 0.23
CA PRO B 88 -0.41 39.96 0.87
C PRO B 88 -0.41 38.43 0.81
N ASP B 89 0.05 37.84 -0.29
CA ASP B 89 0.10 36.39 -0.46
C ASP B 89 1.02 35.70 0.53
N ASP B 90 1.91 36.45 1.21
CA ASP B 90 2.77 35.86 2.23
C ASP B 90 2.07 35.72 3.58
N THR B 91 0.83 36.21 3.70
CA THR B 91 0.08 36.01 4.94
C THR B 91 -0.15 34.53 5.18
N ALA B 92 0.18 34.06 6.39
CA ALA B 92 0.16 32.65 6.73
C ALA B 92 0.63 32.49 8.18
N VAL B 93 0.35 31.34 8.75
CA VAL B 93 1.07 30.94 9.95
C VAL B 93 2.39 30.31 9.52
N TYR B 94 3.50 30.77 10.10
CA TYR B 94 4.83 30.30 9.75
C TYR B 94 5.36 29.36 10.84
N TYR B 95 5.87 28.19 10.44
CA TYR B 95 6.35 27.19 11.39
C TYR B 95 7.83 26.93 11.19
N CYS B 96 8.57 26.81 12.30
CA CYS B 96 9.94 26.33 12.28
C CYS B 96 9.96 24.79 12.30
N ALA B 97 11.01 24.21 11.72
CA ALA B 97 11.19 22.76 11.69
C ALA B 97 12.67 22.42 11.82
N ALA B 98 12.97 21.26 12.40
CA ALA B 98 14.36 20.89 12.66
C ALA B 98 14.55 19.40 12.46
N ASP B 99 15.69 19.02 11.88
CA ASP B 99 15.99 17.59 11.67
C ASP B 99 17.47 17.36 11.88
N TYR B 100 17.80 16.50 12.86
CA TYR B 100 19.20 16.35 13.25
C TYR B 100 20.05 15.79 12.13
N GLY B 101 21.13 16.50 11.80
CA GLY B 101 22.17 15.99 10.92
C GLY B 101 21.84 15.97 9.45
N SER B 102 20.75 16.58 9.03
CA SER B 102 20.32 16.45 7.65
C SER B 102 20.90 17.58 6.79
N SER B 103 21.05 17.30 5.50
CA SER B 103 21.61 18.25 4.55
C SER B 103 20.57 19.16 3.92
N TRP B 104 19.28 18.82 4.02
CA TRP B 104 18.22 19.70 3.57
C TRP B 104 16.95 19.31 4.32
N CYS B 105 15.89 20.07 4.11
CA CYS B 105 14.65 19.94 4.87
C CYS B 105 13.60 19.24 4.03
N THR B 106 13.16 18.06 4.48
CA THR B 106 12.05 17.39 3.84
C THR B 106 10.70 17.90 4.32
N PHE B 107 10.69 18.58 5.47
CA PHE B 107 9.51 19.05 6.20
C PHE B 107 8.69 17.86 6.72
N ASN B 108 8.07 17.10 5.83
CA ASN B 108 7.49 15.83 6.26
C ASN B 108 8.58 14.91 6.80
N GLY B 109 8.32 14.31 7.96
CA GLY B 109 9.23 13.36 8.56
C GLY B 109 10.40 13.98 9.30
N MET B 110 10.47 15.30 9.40
CA MET B 110 11.53 15.92 10.18
C MET B 110 11.26 15.67 11.67
N ASP B 111 12.35 15.65 12.44
CA ASP B 111 12.24 15.35 13.87
C ASP B 111 11.23 16.26 14.57
N TYR B 112 11.34 17.57 14.38
CA TYR B 112 10.61 18.51 15.22
C TYR B 112 9.96 19.60 14.38
N TRP B 113 8.76 20.00 14.80
CA TRP B 113 8.02 21.14 14.24
C TRP B 113 7.64 22.08 15.36
N GLY B 114 7.65 23.38 15.07
CA GLY B 114 7.20 24.35 16.05
C GLY B 114 5.69 24.48 16.03
N GLN B 115 5.18 25.41 16.85
CA GLN B 115 3.75 25.58 16.94
C GLN B 115 3.22 26.76 16.11
N GLY B 116 4.08 27.57 15.55
CA GLY B 116 3.68 28.56 14.57
C GLY B 116 3.55 29.97 15.12
N THR B 117 3.73 30.95 14.24
CA THR B 117 3.54 32.35 14.56
C THR B 117 2.90 33.04 13.37
N GLN B 118 1.97 33.96 13.65
CA GLN B 118 1.18 34.58 12.61
C GLN B 118 1.96 35.69 11.93
N VAL B 119 1.94 35.67 10.59
CA VAL B 119 2.43 36.77 9.77
C VAL B 119 1.26 37.28 8.95
N THR B 120 0.99 38.58 9.02
CA THR B 120 -0.10 39.18 8.27
C THR B 120 0.42 40.37 7.47
N VAL B 121 0.22 40.34 6.17
CA VAL B 121 0.64 41.40 5.27
C VAL B 121 -0.62 42.05 4.72
N SER B 122 -0.88 43.29 5.10
CA SER B 122 -2.12 43.93 4.69
C SER B 122 -2.02 45.43 4.85
N SER B 123 -2.72 46.16 3.98
CA SER B 123 -2.78 47.62 4.04
C SER B 123 -3.54 48.10 5.27
#